data_6RX7
#
_entry.id   6RX7
#
_cell.length_a   120.246
_cell.length_b   42.839
_cell.length_c   61.175
_cell.angle_alpha   90.000
_cell.angle_beta   110.230
_cell.angle_gamma   90.000
#
_symmetry.space_group_name_H-M   'C 1 2 1'
#
loop_
_entity.id
_entity.type
_entity.pdbx_description
1 polymer Apolipoprotein(a)
2 non-polymer GLYCEROL
3 non-polymer 'SULFATE ION'
4 water water
#
_entity_poly.entity_id   1
_entity_poly.type   'polypeptide(L)'
_entity_poly.pdbx_seq_one_letter_code
;MGHHHHHHENLYFQGAPTEQRPGVQECYHGNGQSYRGTYSTTVTGRTCQAWSSMTPHSHSRTPEYYPNAGLIMNYCRNPD
AVAAPYCYTRDPGVRWEYCNLTQCSDAEGTA
;
_entity_poly.pdbx_strand_id   A,B,C
#
# COMPACT_ATOMS: atom_id res chain seq x y z
N ALA A 16 9.07 -48.22 -1.10
CA ALA A 16 9.85 -47.53 -0.07
C ALA A 16 10.58 -46.33 -0.66
N PRO A 17 10.56 -45.20 0.06
CA PRO A 17 11.14 -43.98 -0.50
C PRO A 17 12.64 -44.07 -0.62
N THR A 18 13.16 -43.57 -1.74
CA THR A 18 14.60 -43.48 -1.95
C THR A 18 15.05 -42.05 -2.23
N GLU A 19 14.16 -41.08 -2.08
CA GLU A 19 14.46 -39.67 -2.32
C GLU A 19 14.24 -38.88 -1.04
N GLN A 20 15.15 -37.95 -0.76
CA GLN A 20 14.98 -37.04 0.37
C GLN A 20 13.60 -36.40 0.33
N ARG A 21 13.00 -36.21 1.50
CA ARG A 21 11.66 -35.69 1.59
C ARG A 21 11.55 -34.40 0.78
N PRO A 22 10.42 -34.16 0.10
CA PRO A 22 10.33 -32.99 -0.78
C PRO A 22 10.49 -31.70 0.00
N GLY A 23 11.21 -30.75 -0.60
CA GLY A 23 11.37 -29.44 -0.02
C GLY A 23 10.61 -28.39 -0.81
N VAL A 24 9.71 -27.67 -0.14
CA VAL A 24 8.97 -26.60 -0.80
C VAL A 24 9.89 -25.40 -0.96
N GLN A 25 10.11 -24.98 -2.21
CA GLN A 25 10.98 -23.85 -2.47
C GLN A 25 10.39 -22.58 -1.90
N GLU A 26 11.27 -21.71 -1.40
CA GLU A 26 10.80 -20.38 -1.05
C GLU A 26 10.84 -19.48 -2.28
N CYS A 27 9.92 -18.52 -2.31
CA CYS A 27 9.79 -17.63 -3.44
C CYS A 27 9.17 -16.33 -2.96
N TYR A 28 9.38 -15.25 -3.70
CA TYR A 28 8.80 -13.97 -3.33
C TYR A 28 7.73 -13.54 -4.31
N HIS A 29 6.80 -12.74 -3.81
CA HIS A 29 5.69 -12.20 -4.58
C HIS A 29 6.02 -10.76 -4.93
N GLY A 30 5.62 -10.32 -6.13
CA GLY A 30 5.88 -8.94 -6.51
C GLY A 30 7.37 -8.68 -6.58
N ASN A 31 7.80 -7.57 -5.99
CA ASN A 31 9.23 -7.27 -5.89
C ASN A 31 9.84 -7.82 -4.62
N GLY A 32 9.07 -8.55 -3.83
CA GLY A 32 9.61 -9.16 -2.64
C GLY A 32 9.69 -8.26 -1.44
N GLN A 33 9.13 -7.05 -1.50
CA GLN A 33 9.03 -6.25 -0.28
C GLN A 33 8.28 -6.99 0.81
N SER A 34 7.34 -7.88 0.44
N SER A 34 7.35 -7.88 0.44
CA SER A 34 6.59 -8.65 1.43
CA SER A 34 6.57 -8.66 1.40
C SER A 34 7.28 -9.94 1.85
C SER A 34 7.28 -9.93 1.85
N TYR A 35 8.45 -10.25 1.29
CA TYR A 35 9.12 -11.50 1.63
C TYR A 35 9.60 -11.49 3.07
N ARG A 36 9.27 -12.56 3.81
CA ARG A 36 9.68 -12.73 5.20
C ARG A 36 10.17 -14.15 5.45
N GLY A 37 10.71 -14.81 4.43
CA GLY A 37 11.23 -16.15 4.57
C GLY A 37 12.61 -16.17 5.22
N THR A 38 13.25 -17.35 5.15
CA THR A 38 14.50 -17.59 5.87
C THR A 38 15.71 -17.71 4.97
N TYR A 39 15.56 -17.53 3.66
CA TYR A 39 16.70 -17.67 2.76
C TYR A 39 17.77 -16.63 3.06
N SER A 40 19.03 -17.04 3.00
CA SER A 40 20.09 -16.16 3.46
C SER A 40 21.34 -16.27 2.60
N THR A 41 21.17 -16.63 1.33
CA THR A 41 22.26 -16.90 0.41
C THR A 41 22.08 -16.05 -0.84
N THR A 42 23.18 -15.57 -1.41
CA THR A 42 23.06 -14.73 -2.60
C THR A 42 23.03 -15.56 -3.89
N VAL A 43 22.82 -14.86 -5.01
CA VAL A 43 22.78 -15.49 -6.34
C VAL A 43 24.07 -16.25 -6.64
N THR A 44 25.20 -15.82 -6.07
CA THR A 44 26.47 -16.51 -6.26
C THR A 44 26.83 -17.40 -5.09
N GLY A 45 25.88 -17.67 -4.20
CA GLY A 45 26.12 -18.61 -3.13
C GLY A 45 26.78 -18.04 -1.91
N ARG A 46 26.91 -16.71 -1.82
CA ARG A 46 27.58 -16.11 -0.66
C ARG A 46 26.60 -15.96 0.49
N THR A 47 27.15 -15.92 1.70
CA THR A 47 26.35 -15.85 2.90
C THR A 47 26.06 -14.40 3.25
N CYS A 48 24.79 -14.10 3.50
CA CYS A 48 24.37 -12.74 3.81
C CYS A 48 24.95 -12.26 5.13
N GLN A 49 25.26 -10.97 5.16
CA GLN A 49 25.58 -10.29 6.41
C GLN A 49 24.31 -9.97 7.18
N ALA A 50 24.39 -10.02 8.52
CA ALA A 50 23.23 -9.69 9.35
C ALA A 50 22.87 -8.21 9.25
N TRP A 51 21.56 -7.92 9.17
CA TRP A 51 21.12 -6.53 9.03
C TRP A 51 21.57 -5.66 10.20
N SER A 52 21.64 -6.23 11.40
CA SER A 52 22.03 -5.46 12.57
C SER A 52 23.53 -5.30 12.70
N SER A 53 24.29 -5.99 11.84
CA SER A 53 25.73 -5.86 11.81
C SER A 53 26.14 -4.72 10.89
N MET A 54 27.24 -4.05 11.25
CA MET A 54 27.84 -3.03 10.42
C MET A 54 29.17 -3.50 9.85
N THR A 55 29.50 -4.78 10.03
CA THR A 55 30.74 -5.36 9.53
C THR A 55 30.41 -6.60 8.69
N PRO A 56 31.11 -6.80 7.57
CA PRO A 56 32.14 -5.88 7.08
C PRO A 56 31.61 -4.61 6.43
N HIS A 57 30.32 -4.53 6.09
CA HIS A 57 29.79 -3.40 5.34
C HIS A 57 28.90 -2.53 6.21
N SER A 58 29.18 -1.22 6.20
CA SER A 58 28.31 -0.24 6.83
C SER A 58 27.16 0.12 5.89
N HIS A 59 25.98 0.35 6.47
CA HIS A 59 24.75 0.51 5.72
C HIS A 59 23.70 1.13 6.64
N SER A 60 22.58 1.54 6.04
CA SER A 60 21.48 2.15 6.78
C SER A 60 20.20 1.32 6.69
N ARG A 61 20.29 0.07 6.26
CA ARG A 61 19.11 -0.81 6.24
C ARG A 61 19.02 -1.56 7.58
N THR A 62 18.67 -0.80 8.62
CA THR A 62 18.60 -1.34 9.96
C THR A 62 17.15 -1.47 10.42
N PRO A 63 16.85 -2.39 11.32
CA PRO A 63 15.47 -2.47 11.83
C PRO A 63 15.02 -1.20 12.53
N GLU A 64 15.94 -0.39 13.05
CA GLU A 64 15.55 0.89 13.63
C GLU A 64 14.93 1.80 12.58
N TYR A 65 15.44 1.76 11.36
CA TYR A 65 15.03 2.68 10.30
C TYR A 65 13.95 2.11 9.40
N TYR A 66 13.77 0.79 9.41
CA TYR A 66 12.72 0.10 8.64
C TYR A 66 12.01 -0.84 9.60
N PRO A 67 11.28 -0.30 10.58
CA PRO A 67 10.84 -1.14 11.71
C PRO A 67 9.82 -2.21 11.33
N ASN A 68 9.19 -2.13 10.16
CA ASN A 68 8.20 -3.11 9.75
C ASN A 68 8.69 -3.99 8.62
N ALA A 69 9.98 -3.93 8.28
CA ALA A 69 10.53 -4.62 7.11
C ALA A 69 11.06 -6.02 7.43
N GLY A 70 11.03 -6.48 8.68
CA GLY A 70 11.49 -7.82 8.96
C GLY A 70 12.99 -7.99 8.86
N LEU A 71 13.76 -6.93 9.14
CA LEU A 71 15.22 -6.96 9.00
C LEU A 71 15.85 -7.65 10.21
N ILE A 72 15.70 -8.96 10.25
CA ILE A 72 16.23 -9.76 11.34
C ILE A 72 17.23 -10.75 10.78
N MET A 73 18.11 -11.23 11.67
CA MET A 73 19.14 -12.19 11.28
C MET A 73 19.87 -11.69 10.05
N ASN A 74 20.12 -12.58 9.10
CA ASN A 74 20.72 -12.26 7.81
C ASN A 74 19.83 -12.72 6.67
N TYR A 75 18.52 -12.65 6.87
CA TYR A 75 17.60 -13.12 5.85
C TYR A 75 17.49 -12.13 4.69
N CYS A 76 17.32 -12.67 3.50
CA CYS A 76 17.08 -11.85 2.32
C CYS A 76 15.84 -10.99 2.53
N ARG A 77 15.96 -9.69 2.24
CA ARG A 77 14.84 -8.77 2.41
C ARG A 77 14.92 -7.68 1.36
N ASN A 78 13.81 -6.94 1.24
CA ASN A 78 13.70 -5.83 0.29
C ASN A 78 13.04 -4.66 1.00
N PRO A 79 13.75 -4.02 1.94
CA PRO A 79 13.11 -2.97 2.75
C PRO A 79 12.80 -1.69 1.99
N ASP A 80 13.59 -1.35 0.97
CA ASP A 80 13.42 -0.10 0.26
C ASP A 80 12.87 -0.29 -1.16
N ALA A 81 12.28 -1.46 -1.43
CA ALA A 81 11.50 -1.70 -2.65
C ALA A 81 12.33 -1.58 -3.93
N VAL A 82 13.52 -2.17 -3.92
CA VAL A 82 14.29 -2.35 -5.16
C VAL A 82 13.68 -3.52 -5.94
N ALA A 83 14.46 -4.11 -6.86
CA ALA A 83 13.88 -5.08 -7.80
C ALA A 83 13.50 -6.40 -7.13
N ALA A 84 14.24 -6.84 -6.12
CA ALA A 84 14.02 -8.15 -5.52
C ALA A 84 14.70 -8.18 -4.16
N PRO A 85 14.42 -9.20 -3.33
CA PRO A 85 15.12 -9.31 -2.05
C PRO A 85 16.63 -9.39 -2.25
N TYR A 86 17.36 -8.85 -1.29
CA TYR A 86 18.81 -8.77 -1.39
C TYR A 86 19.39 -8.85 0.02
N CYS A 87 20.71 -8.75 0.10
CA CYS A 87 21.39 -8.63 1.38
C CYS A 87 22.77 -8.09 1.11
N TYR A 88 23.36 -7.49 2.12
CA TYR A 88 24.80 -7.34 2.15
C TYR A 88 25.43 -8.68 2.47
N THR A 89 26.63 -8.92 1.95
CA THR A 89 27.27 -10.21 2.13
C THR A 89 28.37 -10.11 3.19
N ARG A 90 28.72 -11.24 3.78
CA ARG A 90 29.76 -11.24 4.80
C ARG A 90 31.16 -11.12 4.23
N ASP A 91 31.30 -11.16 2.90
CA ASP A 91 32.62 -11.10 2.29
C ASP A 91 33.01 -9.65 2.04
N PRO A 92 34.13 -9.17 2.60
CA PRO A 92 34.53 -7.77 2.37
C PRO A 92 34.62 -7.40 0.89
N GLY A 93 34.92 -8.35 0.01
CA GLY A 93 35.04 -8.02 -1.41
C GLY A 93 33.73 -7.82 -2.14
N VAL A 94 32.60 -8.21 -1.55
CA VAL A 94 31.31 -8.14 -2.21
C VAL A 94 30.35 -7.41 -1.26
N ARG A 95 29.98 -6.17 -1.63
CA ARG A 95 29.16 -5.36 -0.73
C ARG A 95 27.75 -5.94 -0.58
N TRP A 96 27.05 -6.15 -1.69
CA TRP A 96 25.68 -6.68 -1.64
C TRP A 96 25.37 -7.42 -2.92
N GLU A 97 24.36 -8.29 -2.85
CA GLU A 97 23.90 -9.07 -4.00
C GLU A 97 22.41 -9.31 -3.84
N TYR A 98 21.74 -9.51 -4.97
CA TYR A 98 20.41 -10.09 -4.92
C TYR A 98 20.51 -11.53 -4.40
N CYS A 99 19.42 -12.00 -3.82
CA CYS A 99 19.44 -13.33 -3.24
C CYS A 99 19.08 -14.39 -4.26
N ASN A 100 19.45 -15.64 -3.93
CA ASN A 100 19.14 -16.77 -4.80
C ASN A 100 17.70 -17.22 -4.56
N LEU A 101 16.77 -16.41 -5.05
CA LEU A 101 15.35 -16.59 -4.83
C LEU A 101 14.60 -16.36 -6.14
N THR A 102 13.60 -17.19 -6.38
CA THR A 102 12.79 -17.04 -7.58
C THR A 102 11.46 -16.40 -7.22
N GLN A 103 10.83 -15.80 -8.22
CA GLN A 103 9.51 -15.23 -8.02
C GLN A 103 8.49 -16.35 -8.04
N CYS A 104 7.50 -16.26 -7.15
CA CYS A 104 6.53 -17.35 -7.03
C CYS A 104 5.87 -17.62 -8.36
N SER A 105 5.59 -16.57 -9.14
CA SER A 105 4.90 -16.73 -10.41
C SER A 105 5.71 -17.49 -11.45
N ASP A 106 7.01 -17.70 -11.22
CA ASP A 106 7.82 -18.42 -12.19
C ASP A 106 7.31 -19.83 -12.42
N ALA A 107 6.84 -20.50 -11.35
CA ALA A 107 6.38 -21.87 -11.46
C ALA A 107 5.06 -22.00 -12.21
N GLU A 108 4.41 -20.90 -12.57
CA GLU A 108 3.12 -20.95 -13.24
C GLU A 108 3.28 -21.13 -14.74
N GLU B 26 18.02 19.21 7.15
CA GLU B 26 17.05 18.30 7.77
C GLU B 26 16.71 17.14 6.84
N CYS B 27 16.91 15.92 7.34
CA CYS B 27 16.69 14.71 6.55
C CYS B 27 15.98 13.68 7.41
N TYR B 28 15.75 12.49 6.84
CA TYR B 28 15.12 11.39 7.55
C TYR B 28 15.88 10.10 7.23
N HIS B 29 15.83 9.16 8.16
CA HIS B 29 16.54 7.91 8.00
C HIS B 29 15.60 6.80 7.53
N GLY B 30 16.13 5.90 6.71
CA GLY B 30 15.32 4.78 6.24
C GLY B 30 14.14 5.28 5.45
N ASN B 31 12.97 4.70 5.71
CA ASN B 31 11.73 5.10 5.07
C ASN B 31 11.04 6.26 5.78
N GLY B 32 11.63 6.76 6.87
CA GLY B 32 11.09 7.93 7.53
C GLY B 32 9.98 7.67 8.52
N GLN B 33 9.74 6.41 8.91
CA GLN B 33 8.81 6.14 10.00
C GLN B 33 9.27 6.76 11.31
N SER B 34 10.56 7.00 11.47
CA SER B 34 11.07 7.64 12.68
C SER B 34 11.11 9.16 12.58
N TYR B 35 10.79 9.75 11.42
CA TYR B 35 10.88 11.19 11.27
C TYR B 35 9.85 11.90 12.15
N ARG B 36 10.34 12.84 12.98
CA ARG B 36 9.47 13.61 13.87
C ARG B 36 9.80 15.10 13.80
N GLY B 37 10.19 15.59 12.63
CA GLY B 37 10.45 17.00 12.45
C GLY B 37 9.19 17.80 12.15
N THR B 38 9.39 19.06 11.78
CA THR B 38 8.28 19.99 11.56
C THR B 38 8.09 20.34 10.09
N TYR B 39 8.81 19.70 9.18
CA TYR B 39 8.63 20.02 7.77
C TYR B 39 7.22 19.65 7.30
N SER B 40 6.63 20.52 6.47
CA SER B 40 5.22 20.38 6.12
C SER B 40 4.94 20.77 4.67
N THR B 41 5.89 20.51 3.77
CA THR B 41 5.76 20.90 2.36
C THR B 41 5.92 19.66 1.48
N THR B 42 5.09 19.55 0.45
CA THR B 42 5.15 18.39 -0.43
C THR B 42 6.27 18.55 -1.48
N VAL B 43 6.51 17.46 -2.21
CA VAL B 43 7.56 17.47 -3.24
C VAL B 43 7.30 18.55 -4.30
N THR B 44 6.03 18.89 -4.54
CA THR B 44 5.70 19.93 -5.51
C THR B 44 5.47 21.30 -4.86
N GLY B 45 5.86 21.48 -3.60
CA GLY B 45 5.71 22.76 -2.94
C GLY B 45 4.33 23.09 -2.41
N ARG B 46 3.43 22.11 -2.35
CA ARG B 46 2.13 22.36 -1.73
C ARG B 46 2.24 22.22 -0.21
N THR B 47 1.35 22.90 0.50
CA THR B 47 1.35 22.85 1.96
C THR B 47 0.48 21.68 2.45
N CYS B 48 1.01 20.92 3.39
CA CYS B 48 0.30 19.79 3.96
C CYS B 48 -0.96 20.23 4.68
N GLN B 49 -1.98 19.38 4.60
CA GLN B 49 -3.18 19.50 5.42
C GLN B 49 -2.89 18.93 6.80
N ALA B 50 -3.57 19.47 7.82
CA ALA B 50 -3.46 18.91 9.16
C ALA B 50 -4.05 17.51 9.21
N TRP B 51 -3.37 16.62 9.95
CA TRP B 51 -3.85 15.24 10.10
C TRP B 51 -5.21 15.20 10.77
N SER B 52 -5.48 16.12 11.70
CA SER B 52 -6.74 16.15 12.41
C SER B 52 -7.81 16.94 11.69
N SER B 53 -7.51 17.48 10.51
CA SER B 53 -8.51 18.19 9.73
C SER B 53 -9.07 17.28 8.65
N MET B 54 -10.36 17.44 8.37
CA MET B 54 -11.03 16.72 7.30
C MET B 54 -11.21 17.60 6.06
N THR B 55 -10.62 18.79 6.09
CA THR B 55 -10.73 19.79 5.03
C THR B 55 -9.36 20.02 4.40
N PRO B 56 -9.22 19.91 3.07
CA PRO B 56 -10.30 19.52 2.15
C PRO B 56 -10.44 18.01 1.96
N HIS B 57 -9.57 17.19 2.53
CA HIS B 57 -9.55 15.76 2.25
C HIS B 57 -9.96 14.93 3.46
N SER B 58 -10.96 14.06 3.27
CA SER B 58 -11.32 13.09 4.28
C SER B 58 -10.35 11.91 4.23
N HIS B 59 -10.05 11.35 5.41
CA HIS B 59 -9.03 10.31 5.48
C HIS B 59 -9.12 9.62 6.83
N SER B 60 -8.39 8.50 6.94
CA SER B 60 -8.37 7.70 8.15
C SER B 60 -7.03 7.70 8.87
N ARG B 61 -5.95 8.16 8.23
CA ARG B 61 -4.64 8.25 8.89
C ARG B 61 -4.65 9.46 9.80
N THR B 62 -5.28 9.29 10.95
CA THR B 62 -5.45 10.28 11.99
C THR B 62 -4.82 9.78 13.28
N PRO B 63 -4.49 10.67 14.22
CA PRO B 63 -3.87 10.21 15.47
C PRO B 63 -4.68 9.19 16.22
N GLU B 64 -6.00 9.11 15.96
CA GLU B 64 -6.83 8.12 16.63
C GLU B 64 -6.36 6.69 16.31
N TYR B 65 -6.13 6.41 15.02
CA TYR B 65 -5.80 5.06 14.58
C TYR B 65 -4.31 4.81 14.45
N TYR B 66 -3.48 5.85 14.63
CA TYR B 66 -2.03 5.70 14.65
C TYR B 66 -1.50 6.51 15.83
N PRO B 67 -1.78 6.06 17.06
CA PRO B 67 -1.47 6.89 18.24
C PRO B 67 0.01 7.13 18.46
N ASN B 68 0.89 6.30 17.91
CA ASN B 68 2.31 6.40 18.15
C ASN B 68 3.09 6.97 16.98
N ALA B 69 2.40 7.51 15.96
CA ALA B 69 3.02 7.94 14.72
C ALA B 69 3.36 9.42 14.67
N GLY B 70 2.91 10.20 15.65
CA GLY B 70 3.27 11.60 15.67
C GLY B 70 2.49 12.45 14.69
N LEU B 71 1.25 12.07 14.42
CA LEU B 71 0.39 12.75 13.45
C LEU B 71 -0.20 14.01 14.09
N ILE B 72 0.66 15.01 14.25
CA ILE B 72 0.25 16.28 14.82
C ILE B 72 0.47 17.37 13.78
N MET B 73 -0.23 18.48 13.98
CA MET B 73 -0.16 19.62 13.06
C MET B 73 -0.38 19.14 11.64
N ASN B 74 0.44 19.63 10.71
CA ASN B 74 0.45 19.18 9.33
C ASN B 74 1.82 18.64 8.96
N TYR B 75 2.49 18.01 9.91
CA TYR B 75 3.88 17.62 9.73
C TYR B 75 4.00 16.37 8.87
N CYS B 76 5.03 16.34 8.02
CA CYS B 76 5.29 15.17 7.19
C CYS B 76 5.56 13.95 8.08
N ARG B 77 4.83 12.85 7.80
CA ARG B 77 4.93 11.65 8.62
C ARG B 77 4.75 10.43 7.74
N ASN B 78 5.16 9.27 8.27
CA ASN B 78 4.98 7.97 7.59
C ASN B 78 4.34 7.00 8.57
N PRO B 79 3.03 7.12 8.81
CA PRO B 79 2.40 6.28 9.84
C PRO B 79 2.28 4.82 9.43
N ASP B 80 2.16 4.51 8.15
CA ASP B 80 1.85 3.15 7.70
C ASP B 80 2.96 2.53 6.88
N ALA B 81 4.21 2.96 7.08
CA ALA B 81 5.39 2.30 6.51
C ALA B 81 5.36 2.27 4.98
N VAL B 82 4.99 3.40 4.37
CA VAL B 82 5.16 3.55 2.93
C VAL B 82 6.60 4.00 2.66
N ALA B 83 6.86 4.56 1.48
CA ALA B 83 8.25 4.73 1.05
C ALA B 83 8.96 5.90 1.73
N ALA B 84 8.23 6.91 2.18
CA ALA B 84 8.84 8.14 2.71
C ALA B 84 7.78 8.93 3.47
N PRO B 85 8.16 9.92 4.29
CA PRO B 85 7.15 10.80 4.89
C PRO B 85 6.27 11.44 3.82
N TYR B 86 4.98 11.59 4.16
CA TYR B 86 4.03 12.19 3.26
C TYR B 86 3.03 13.01 4.06
N CYS B 87 2.04 13.55 3.35
CA CYS B 87 0.94 14.23 3.99
C CYS B 87 -0.20 14.35 2.98
N TYR B 88 -1.40 14.50 3.50
CA TYR B 88 -2.49 15.03 2.69
C TYR B 88 -2.20 16.50 2.41
N THR B 89 -2.62 16.99 1.25
CA THR B 89 -2.27 18.36 0.88
C THR B 89 -3.49 19.27 0.94
N ARG B 90 -3.21 20.56 1.03
CA ARG B 90 -4.28 21.55 1.09
C ARG B 90 -4.87 21.85 -0.29
N ASP B 91 -4.19 21.45 -1.35
CA ASP B 91 -4.74 21.56 -2.69
C ASP B 91 -5.92 20.60 -2.82
N PRO B 92 -7.13 21.10 -3.09
CA PRO B 92 -8.29 20.20 -3.16
C PRO B 92 -8.20 19.18 -4.28
N GLY B 93 -7.37 19.42 -5.30
CA GLY B 93 -7.19 18.48 -6.39
C GLY B 93 -6.04 17.52 -6.24
N VAL B 94 -5.35 17.53 -5.10
CA VAL B 94 -4.23 16.63 -4.86
C VAL B 94 -4.37 16.06 -3.45
N ARG B 95 -4.84 14.82 -3.37
CA ARG B 95 -5.21 14.24 -2.07
C ARG B 95 -4.00 14.11 -1.16
N TRP B 96 -2.90 13.56 -1.68
CA TRP B 96 -1.72 13.34 -0.85
C TRP B 96 -0.48 13.30 -1.72
N GLU B 97 0.67 13.61 -1.11
CA GLU B 97 1.95 13.59 -1.79
C GLU B 97 3.03 13.20 -0.81
N TYR B 98 4.14 12.67 -1.34
CA TYR B 98 5.33 12.59 -0.53
C TYR B 98 5.87 13.99 -0.29
N CYS B 99 6.66 14.14 0.76
CA CYS B 99 7.15 15.46 1.15
C CYS B 99 8.48 15.79 0.50
N ASN B 100 8.83 17.07 0.57
CA ASN B 100 10.07 17.57 -0.01
C ASN B 100 11.20 17.40 1.01
N LEU B 101 11.49 16.13 1.28
CA LEU B 101 12.52 15.76 2.24
C LEU B 101 13.52 14.82 1.58
N THR B 102 14.77 14.87 2.05
CA THR B 102 15.81 13.97 1.62
C THR B 102 16.09 12.95 2.72
N GLN B 103 16.49 11.75 2.29
CA GLN B 103 16.93 10.71 3.19
C GLN B 103 18.36 11.00 3.63
N CYS B 104 18.63 10.77 4.91
CA CYS B 104 19.99 10.96 5.43
C CYS B 104 20.94 9.93 4.82
N PHE C 13 -31.67 12.52 -10.58
CA PHE C 13 -30.62 12.42 -11.60
C PHE C 13 -30.09 10.97 -11.70
N GLN C 14 -30.19 10.22 -10.61
CA GLN C 14 -29.95 8.79 -10.62
C GLN C 14 -31.29 8.05 -10.64
N GLY C 15 -31.35 6.98 -11.43
CA GLY C 15 -32.61 6.26 -11.56
C GLY C 15 -32.95 5.43 -10.34
N ALA C 16 -34.26 5.19 -10.16
CA ALA C 16 -34.72 4.32 -9.08
C ALA C 16 -34.23 2.89 -9.33
N PRO C 17 -34.01 2.10 -8.26
CA PRO C 17 -33.47 0.75 -8.46
C PRO C 17 -34.40 -0.12 -9.27
N THR C 18 -33.80 -0.92 -10.17
CA THR C 18 -34.54 -1.88 -10.98
C THR C 18 -33.97 -3.28 -10.86
N GLU C 19 -33.02 -3.51 -9.95
CA GLU C 19 -32.33 -4.79 -9.87
C GLU C 19 -32.64 -5.43 -8.53
N GLN C 20 -33.13 -6.66 -8.56
CA GLN C 20 -33.35 -7.42 -7.33
C GLN C 20 -32.08 -7.47 -6.49
N ARG C 21 -32.22 -7.23 -5.18
CA ARG C 21 -31.08 -7.22 -4.29
C ARG C 21 -30.40 -8.59 -4.31
N PRO C 22 -29.09 -8.63 -4.08
CA PRO C 22 -28.37 -9.90 -4.06
C PRO C 22 -28.58 -10.63 -2.73
N GLY C 23 -27.90 -11.76 -2.59
CA GLY C 23 -27.98 -12.55 -1.38
C GLY C 23 -27.37 -11.84 -0.19
N VAL C 24 -27.56 -12.46 0.99
CA VAL C 24 -27.22 -11.80 2.25
C VAL C 24 -25.71 -11.67 2.46
N GLN C 25 -24.90 -12.50 1.80
CA GLN C 25 -23.45 -12.41 1.94
C GLN C 25 -22.86 -11.29 1.08
N GLU C 26 -23.67 -10.62 0.26
CA GLU C 26 -23.25 -9.45 -0.49
C GLU C 26 -23.84 -8.23 0.22
N CYS C 27 -23.23 -7.87 1.34
CA CYS C 27 -23.72 -6.76 2.14
C CYS C 27 -22.55 -5.96 2.68
N TYR C 28 -22.85 -4.72 3.07
CA TYR C 28 -21.86 -3.81 3.61
C TYR C 28 -22.28 -3.34 5.00
N HIS C 29 -21.29 -2.98 5.81
CA HIS C 29 -21.51 -2.47 7.16
C HIS C 29 -21.42 -0.95 7.16
N GLY C 30 -22.34 -0.32 7.87
CA GLY C 30 -22.34 1.14 7.95
C GLY C 30 -22.50 1.74 6.57
N ASN C 31 -21.59 2.64 6.21
CA ASN C 31 -21.56 3.23 4.87
C ASN C 31 -20.73 2.41 3.90
N GLY C 32 -20.26 1.23 4.31
CA GLY C 32 -19.56 0.34 3.42
C GLY C 32 -18.17 0.77 3.03
N GLN C 33 -17.55 1.68 3.79
CA GLN C 33 -16.15 2.00 3.51
C GLN C 33 -15.26 0.78 3.71
N SER C 34 -15.69 -0.16 4.55
CA SER C 34 -14.94 -1.38 4.78
C SER C 34 -15.21 -2.47 3.74
N TYR C 35 -16.25 -2.31 2.93
CA TYR C 35 -16.62 -3.34 1.96
C TYR C 35 -15.47 -3.61 0.98
N ARG C 36 -15.08 -4.89 0.87
CA ARG C 36 -14.04 -5.31 -0.07
C ARG C 36 -14.49 -6.49 -0.91
N GLY C 37 -15.80 -6.64 -1.12
CA GLY C 37 -16.32 -7.74 -1.90
C GLY C 37 -16.14 -7.55 -3.40
N THR C 38 -16.76 -8.47 -4.15
CA THR C 38 -16.58 -8.56 -5.60
C THR C 38 -17.83 -8.16 -6.38
N TYR C 39 -18.80 -7.51 -5.74
CA TYR C 39 -19.97 -7.07 -6.47
C TYR C 39 -19.62 -5.90 -7.38
N SER C 40 -20.22 -5.88 -8.58
CA SER C 40 -19.83 -4.88 -9.58
C SER C 40 -21.01 -4.41 -10.42
N THR C 41 -22.22 -4.40 -9.84
CA THR C 41 -23.43 -4.04 -10.55
C THR C 41 -24.18 -2.95 -9.78
N THR C 42 -24.71 -1.99 -10.51
CA THR C 42 -25.43 -0.89 -9.88
C THR C 42 -26.88 -1.27 -9.60
N VAL C 43 -27.56 -0.38 -8.87
CA VAL C 43 -28.97 -0.57 -8.53
C VAL C 43 -29.85 -0.65 -9.77
N THR C 44 -29.38 -0.19 -10.94
CA THR C 44 -30.18 -0.28 -12.16
C THR C 44 -29.63 -1.32 -13.13
N GLY C 45 -28.78 -2.22 -12.65
CA GLY C 45 -28.26 -3.29 -13.48
C GLY C 45 -27.02 -2.95 -14.27
N ARG C 46 -26.50 -1.73 -14.18
CA ARG C 46 -25.36 -1.35 -14.99
C ARG C 46 -24.07 -1.90 -14.37
N THR C 47 -23.10 -2.18 -15.25
CA THR C 47 -21.80 -2.71 -14.85
C THR C 47 -20.85 -1.57 -14.52
N CYS C 48 -20.12 -1.74 -13.42
CA CYS C 48 -19.17 -0.74 -12.95
C CYS C 48 -18.00 -0.58 -13.89
N GLN C 49 -17.59 0.68 -14.06
CA GLN C 49 -16.31 1.01 -14.68
C GLN C 49 -15.16 0.74 -13.71
N ALA C 50 -14.00 0.38 -14.26
CA ALA C 50 -12.84 0.11 -13.44
C ALA C 50 -12.30 1.40 -12.82
N TRP C 51 -11.88 1.32 -11.56
CA TRP C 51 -11.34 2.49 -10.89
C TRP C 51 -10.07 2.99 -11.58
N SER C 52 -9.24 2.07 -12.05
CA SER C 52 -8.02 2.46 -12.74
C SER C 52 -8.27 2.99 -14.14
N SER C 53 -9.52 3.00 -14.60
CA SER C 53 -9.84 3.45 -15.94
C SER C 53 -10.53 4.81 -15.88
N MET C 54 -10.24 5.66 -16.88
CA MET C 54 -10.90 6.94 -17.05
C MET C 54 -11.92 6.92 -18.18
N THR C 55 -12.25 5.74 -18.70
CA THR C 55 -13.17 5.57 -19.80
C THR C 55 -14.35 4.72 -19.36
N PRO C 56 -15.61 5.14 -19.61
CA PRO C 56 -16.03 6.37 -20.30
C PRO C 56 -16.07 7.63 -19.44
N HIS C 57 -15.83 7.54 -18.14
CA HIS C 57 -15.95 8.67 -17.24
C HIS C 57 -14.60 9.02 -16.61
N SER C 58 -14.25 10.31 -16.66
CA SER C 58 -13.04 10.79 -16.03
C SER C 58 -13.30 11.12 -14.56
N HIS C 59 -12.37 10.71 -13.69
CA HIS C 59 -12.58 10.82 -12.26
C HIS C 59 -11.23 10.87 -11.56
N SER C 60 -11.27 11.19 -10.26
CA SER C 60 -10.06 11.24 -9.45
C SER C 60 -10.05 10.19 -8.34
N ARG C 61 -11.06 9.33 -8.25
CA ARG C 61 -11.08 8.26 -7.26
C ARG C 61 -10.27 7.08 -7.77
N THR C 62 -8.98 7.32 -7.95
CA THR C 62 -8.03 6.39 -8.53
C THR C 62 -7.34 5.58 -7.43
N PRO C 63 -6.89 4.37 -7.75
CA PRO C 63 -6.18 3.57 -6.74
C PRO C 63 -4.97 4.27 -6.15
N GLU C 64 -4.30 5.13 -6.92
CA GLU C 64 -3.10 5.79 -6.40
C GLU C 64 -3.44 6.90 -5.39
N TYR C 65 -4.58 7.57 -5.59
CA TYR C 65 -4.99 8.61 -4.65
C TYR C 65 -5.74 8.07 -3.45
N TYR C 66 -6.33 6.89 -3.57
CA TYR C 66 -6.97 6.20 -2.45
C TYR C 66 -6.35 4.82 -2.33
N PRO C 67 -5.06 4.74 -1.97
CA PRO C 67 -4.38 3.43 -1.97
C PRO C 67 -4.82 2.49 -0.85
N ASN C 68 -5.63 2.96 0.10
CA ASN C 68 -6.13 2.11 1.17
C ASN C 68 -7.59 1.74 1.00
N ALA C 69 -8.21 2.12 -0.12
CA ALA C 69 -9.65 1.99 -0.32
C ALA C 69 -10.05 0.70 -1.03
N GLY C 70 -9.08 -0.11 -1.48
CA GLY C 70 -9.38 -1.36 -2.15
C GLY C 70 -9.94 -1.19 -3.54
N LEU C 71 -9.49 -0.17 -4.26
CA LEU C 71 -10.01 0.17 -5.59
C LEU C 71 -9.33 -0.69 -6.65
N ILE C 72 -9.76 -1.93 -6.77
CA ILE C 72 -9.22 -2.81 -7.79
C ILE C 72 -10.34 -3.26 -8.71
N MET C 73 -9.98 -3.46 -9.98
CA MET C 73 -10.92 -3.86 -11.03
C MET C 73 -12.10 -2.89 -10.99
N ASN C 74 -13.33 -3.35 -11.05
CA ASN C 74 -14.50 -2.50 -11.07
C ASN C 74 -15.42 -2.82 -9.91
N TYR C 75 -14.86 -3.17 -8.76
CA TYR C 75 -15.70 -3.61 -7.66
C TYR C 75 -16.26 -2.40 -6.92
N CYS C 76 -17.49 -2.57 -6.43
CA CYS C 76 -18.17 -1.53 -5.69
C CYS C 76 -17.36 -1.11 -4.46
N ARG C 77 -17.16 0.21 -4.30
CA ARG C 77 -16.38 0.72 -3.18
C ARG C 77 -16.91 2.08 -2.75
N ASN C 78 -16.39 2.56 -1.63
CA ASN C 78 -16.74 3.88 -1.10
C ASN C 78 -15.46 4.60 -0.68
N PRO C 79 -14.65 5.05 -1.64
CA PRO C 79 -13.37 5.68 -1.28
C PRO C 79 -13.52 7.03 -0.59
N ASP C 80 -14.56 7.81 -0.92
CA ASP C 80 -14.71 9.17 -0.38
C ASP C 80 -15.86 9.30 0.60
N ALA C 81 -16.29 8.19 1.20
CA ALA C 81 -17.21 8.21 2.34
C ALA C 81 -18.57 8.83 2.00
N VAL C 82 -19.14 8.41 0.87
CA VAL C 82 -20.52 8.75 0.60
C VAL C 82 -21.40 7.74 1.33
N ALA C 83 -22.67 7.63 0.93
CA ALA C 83 -23.64 6.92 1.76
C ALA C 83 -23.43 5.41 1.74
N ALA C 84 -22.91 4.86 0.65
CA ALA C 84 -22.87 3.42 0.47
C ALA C 84 -21.86 3.13 -0.64
N PRO C 85 -21.47 1.86 -0.82
CA PRO C 85 -20.59 1.52 -1.94
C PRO C 85 -21.23 1.87 -3.28
N TYR C 86 -20.39 2.34 -4.19
CA TYR C 86 -20.86 2.85 -5.48
C TYR C 86 -19.79 2.55 -6.52
N CYS C 87 -20.09 2.92 -7.76
CA CYS C 87 -19.08 2.91 -8.80
C CYS C 87 -19.48 3.86 -9.91
N TYR C 88 -18.49 4.30 -10.66
CA TYR C 88 -18.75 4.84 -11.98
C TYR C 88 -19.18 3.69 -12.87
N THR C 89 -20.10 3.98 -13.81
CA THR C 89 -20.66 2.89 -14.60
C THR C 89 -20.11 2.91 -16.02
N ARG C 90 -20.13 1.74 -16.64
CA ARG C 90 -19.68 1.61 -18.02
C ARG C 90 -20.63 2.24 -19.02
N ASP C 91 -21.83 2.61 -18.58
CA ASP C 91 -22.76 3.37 -19.41
C ASP C 91 -22.25 4.79 -19.57
N PRO C 92 -21.96 5.25 -20.79
CA PRO C 92 -21.46 6.63 -20.94
C PRO C 92 -22.46 7.66 -20.48
N GLY C 93 -23.76 7.34 -20.48
CA GLY C 93 -24.77 8.29 -20.07
C GLY C 93 -25.09 8.30 -18.59
N VAL C 94 -24.46 7.43 -17.80
CA VAL C 94 -24.67 7.35 -16.36
C VAL C 94 -23.30 7.40 -15.70
N ARG C 95 -22.98 8.52 -15.06
CA ARG C 95 -21.62 8.71 -14.55
C ARG C 95 -21.37 7.82 -13.34
N TRP C 96 -22.29 7.80 -12.38
CA TRP C 96 -22.09 6.95 -11.21
C TRP C 96 -23.42 6.66 -10.55
N GLU C 97 -23.45 5.52 -9.86
CA GLU C 97 -24.65 5.03 -9.19
C GLU C 97 -24.21 4.29 -7.95
N TYR C 98 -25.11 4.19 -6.98
CA TYR C 98 -24.89 3.27 -5.89
C TYR C 98 -25.02 1.83 -6.39
N CYS C 99 -24.26 0.94 -5.77
CA CYS C 99 -24.30 -0.45 -6.17
C CYS C 99 -25.50 -1.16 -5.57
N ASN C 100 -25.86 -2.27 -6.21
CA ASN C 100 -26.95 -3.14 -5.78
C ASN C 100 -26.47 -4.03 -4.64
N LEU C 101 -26.26 -3.38 -3.50
CA LEU C 101 -25.92 -4.07 -2.27
C LEU C 101 -26.91 -3.66 -1.20
N THR C 102 -26.98 -4.47 -0.15
CA THR C 102 -27.80 -4.13 1.02
C THR C 102 -26.89 -3.96 2.21
N GLN C 103 -27.40 -3.28 3.22
CA GLN C 103 -26.66 -3.16 4.47
C GLN C 103 -26.77 -4.45 5.28
N CYS C 104 -25.65 -4.96 5.76
CA CYS C 104 -25.69 -6.13 6.64
C CYS C 104 -26.58 -5.86 7.85
N SER C 105 -27.13 -6.93 8.40
CA SER C 105 -28.01 -6.81 9.56
C SER C 105 -27.90 -8.03 10.47
#